data_5OVC
#
_entry.id   5OVC
#
_cell.length_a   51.550
_cell.length_b   51.550
_cell.length_c   81.770
_cell.angle_alpha   90.00
_cell.angle_beta   90.00
_cell.angle_gamma   90.00
#
_symmetry.space_group_name_H-M   'P 43 21 2'
#
loop_
_entity.id
_entity.type
_entity.pdbx_description
1 polymer 'SH3 and multiple ankyrin repeat domains protein 3'
2 polymer 'GKAP C terminus, synthetic peptide'
3 non-polymer 'CHLORIDE ION'
4 water water
#
loop_
_entity_poly.entity_id
_entity_poly.type
_entity_poly.pdbx_seq_one_letter_code
_entity_poly.pdbx_strand_id
1 'polypeptide(L)'
;SVAILQKRDHEGFGFVLRGAKAETPIEEFTPTPAFPALQYLESVDVEGVAWKAGLRTGDFLIEVNGVNVVKVGHKQVVGL
IRQGGNRLVMKVVSVT
;
A
2 'polypeptide(L)' (ACE)EAQTRL B
#
# COMPACT_ATOMS: atom_id res chain seq x y z
N SER A 1 11.73 4.17 1.41
CA SER A 1 11.72 3.85 2.83
C SER A 1 10.90 2.60 3.11
N VAL A 2 11.13 1.98 4.27
CA VAL A 2 10.42 0.77 4.66
C VAL A 2 9.65 1.05 5.94
N ALA A 3 8.36 0.73 5.93
CA ALA A 3 7.49 0.92 7.08
C ALA A 3 7.10 -0.44 7.63
N ILE A 4 7.18 -0.58 8.95
CA ILE A 4 6.88 -1.84 9.65
C ILE A 4 5.63 -1.61 10.49
N LEU A 5 4.56 -2.33 10.15
CA LEU A 5 3.25 -2.13 10.74
C LEU A 5 2.82 -3.38 11.50
N GLN A 6 2.42 -3.20 12.75
CA GLN A 6 1.98 -4.30 13.62
C GLN A 6 0.84 -3.78 14.47
N LYS A 7 -0.37 -4.27 14.24
CA LYS A 7 -1.59 -3.71 14.81
C LYS A 7 -2.33 -4.73 15.66
N ARG A 8 -3.34 -4.24 16.38
N ARG A 8 -3.33 -4.25 16.38
CA ARG A 8 -4.25 -5.08 17.13
CA ARG A 8 -4.23 -5.11 17.12
C ARG A 8 -5.30 -5.69 16.21
C ARG A 8 -5.26 -5.72 16.18
N ASP A 9 -5.84 -6.85 16.61
CA ASP A 9 -6.79 -7.56 15.77
C ASP A 9 -7.95 -6.67 15.31
N HIS A 10 -8.49 -5.87 16.23
N HIS A 10 -8.54 -5.92 16.22
CA HIS A 10 -9.76 -5.18 16.08
CA HIS A 10 -9.79 -5.21 15.91
C HIS A 10 -9.62 -3.82 15.39
C HIS A 10 -9.55 -3.72 15.68
N GLU A 11 -8.42 -3.38 15.06
CA GLU A 11 -8.20 -2.06 14.49
C GLU A 11 -7.66 -2.22 13.08
N GLY A 12 -7.75 -1.14 12.32
CA GLY A 12 -7.16 -1.11 10.99
C GLY A 12 -5.73 -0.60 11.03
N PHE A 13 -5.04 -0.79 9.90
CA PHE A 13 -3.74 -0.17 9.72
C PHE A 13 -3.85 1.33 9.57
N GLY A 14 -5.00 1.84 9.14
CA GLY A 14 -5.23 3.27 9.08
C GLY A 14 -4.72 3.93 7.81
N PHE A 15 -5.01 3.33 6.66
CA PHE A 15 -4.72 3.98 5.39
C PHE A 15 -5.70 3.49 4.35
N VAL A 16 -5.82 4.29 3.29
CA VAL A 16 -6.60 3.93 2.11
C VAL A 16 -5.63 3.77 0.96
N LEU A 17 -5.69 2.60 0.32
CA LEU A 17 -4.92 2.32 -0.89
C LEU A 17 -5.79 2.60 -2.10
N ARG A 18 -5.23 3.28 -3.10
CA ARG A 18 -5.89 3.52 -4.37
C ARG A 18 -4.92 3.19 -5.50
N GLY A 19 -5.44 2.61 -6.58
CA GLY A 19 -4.60 2.33 -7.72
C GLY A 19 -5.29 1.50 -8.77
N ALA A 20 -4.51 1.17 -9.79
CA ALA A 20 -5.05 0.61 -11.03
C ALA A 20 -5.70 -0.76 -10.81
N LYS A 21 -6.89 -0.92 -11.40
CA LYS A 21 -7.56 -2.22 -11.40
C LYS A 21 -6.88 -3.16 -12.37
N ALA A 22 -6.90 -4.46 -12.03
CA ALA A 22 -6.33 -5.46 -12.91
C ALA A 22 -7.06 -5.53 -14.26
N GLU A 23 -8.33 -5.14 -14.28
CA GLU A 23 -9.11 -5.23 -15.53
C GLU A 23 -8.66 -4.19 -16.55
N THR A 24 -7.91 -3.17 -16.13
CA THR A 24 -7.39 -2.19 -17.08
C THR A 24 -6.09 -2.71 -17.69
N PRO A 25 -5.56 -2.05 -18.73
CA PRO A 25 -4.33 -2.55 -19.37
C PRO A 25 -3.07 -2.24 -18.56
N ILE A 26 -3.01 -2.80 -17.35
CA ILE A 26 -1.85 -2.56 -16.48
C ILE A 26 -0.57 -3.09 -17.12
N GLU A 27 -0.67 -4.00 -18.10
CA GLU A 27 0.53 -4.49 -18.76
C GLU A 27 1.23 -3.42 -19.58
N GLU A 28 0.57 -2.30 -19.85
CA GLU A 28 1.14 -1.22 -20.65
C GLU A 28 1.83 -0.16 -19.80
N PHE A 29 1.83 -0.31 -18.48
CA PHE A 29 2.38 0.70 -17.58
C PHE A 29 3.90 0.60 -17.50
N THR A 30 4.56 1.75 -17.61
CA THR A 30 6.02 1.83 -17.45
C THR A 30 6.35 2.71 -16.26
N PRO A 31 6.88 2.16 -15.17
CA PRO A 31 7.19 3.00 -13.99
C PRO A 31 8.21 4.08 -14.31
N THR A 32 8.01 5.25 -13.72
CA THR A 32 8.92 6.38 -13.84
C THR A 32 9.01 7.08 -12.50
N PRO A 33 10.06 7.86 -12.27
CA PRO A 33 10.16 8.59 -10.99
C PRO A 33 8.97 9.50 -10.73
N ALA A 34 8.31 9.99 -11.78
CA ALA A 34 7.13 10.84 -11.59
C ALA A 34 5.89 10.04 -11.24
N PHE A 35 5.84 8.77 -11.64
CA PHE A 35 4.73 7.89 -11.29
C PHE A 35 5.30 6.49 -11.14
N PRO A 36 5.84 6.16 -9.95
CA PRO A 36 6.67 4.97 -9.81
C PRO A 36 5.95 3.65 -9.57
N ALA A 37 4.64 3.64 -9.35
CA ALA A 37 3.94 2.38 -9.10
C ALA A 37 2.46 2.55 -9.38
N LEU A 38 1.76 1.43 -9.52
CA LEU A 38 0.34 1.45 -9.83
C LEU A 38 -0.54 1.75 -8.61
N GLN A 39 -0.08 1.40 -7.41
CA GLN A 39 -0.86 1.61 -6.18
C GLN A 39 -0.14 2.60 -5.28
N TYR A 40 -0.92 3.36 -4.52
CA TYR A 40 -0.36 4.42 -3.68
C TYR A 40 -1.35 4.71 -2.57
N LEU A 41 -0.88 5.47 -1.56
CA LEU A 41 -1.69 5.81 -0.40
C LEU A 41 -2.52 7.06 -0.69
N GLU A 42 -3.83 6.86 -0.82
CA GLU A 42 -4.75 7.99 -0.97
C GLU A 42 -4.79 8.83 0.29
N SER A 43 -4.73 8.17 1.46
CA SER A 43 -4.76 8.88 2.73
C SER A 43 -4.19 7.99 3.81
N VAL A 44 -3.76 8.62 4.89
CA VAL A 44 -3.23 7.94 6.08
C VAL A 44 -3.84 8.61 7.30
N ASP A 45 -4.48 7.81 8.15
CA ASP A 45 -5.11 8.37 9.35
C ASP A 45 -4.05 8.93 10.29
N VAL A 46 -4.24 10.17 10.73
CA VAL A 46 -3.28 10.76 11.66
C VAL A 46 -3.28 9.98 12.96
N GLU A 47 -2.08 9.66 13.44
CA GLU A 47 -1.86 8.89 14.66
C GLU A 47 -2.43 7.47 14.59
N GLY A 48 -2.73 6.98 13.38
CA GLY A 48 -3.00 5.57 13.20
C GLY A 48 -1.71 4.77 13.11
N VAL A 49 -1.87 3.45 12.93
CA VAL A 49 -0.70 2.55 12.90
C VAL A 49 0.23 2.92 11.75
N ALA A 50 -0.33 3.10 10.55
CA ALA A 50 0.48 3.45 9.40
C ALA A 50 1.17 4.79 9.60
N TRP A 51 0.44 5.77 10.14
CA TRP A 51 1.02 7.07 10.45
C TRP A 51 2.21 6.92 11.40
N LYS A 52 2.00 6.19 12.50
CA LYS A 52 3.08 6.03 13.47
C LYS A 52 4.27 5.28 12.88
N ALA A 53 4.03 4.44 11.88
CA ALA A 53 5.11 3.76 11.18
C ALA A 53 5.77 4.64 10.12
N GLY A 54 5.29 5.86 9.91
CA GLY A 54 5.93 6.81 9.04
C GLY A 54 5.31 6.98 7.67
N LEU A 55 4.26 6.23 7.36
CA LEU A 55 3.59 6.34 6.07
C LEU A 55 2.80 7.64 5.99
N ARG A 56 2.73 8.20 4.78
CA ARG A 56 2.04 9.46 4.54
C ARG A 56 1.28 9.39 3.23
N THR A 57 0.27 10.26 3.12
CA THR A 57 -0.46 10.42 1.87
C THR A 57 0.51 10.63 0.70
N GLY A 58 0.22 9.97 -0.42
CA GLY A 58 1.04 10.09 -1.62
C GLY A 58 2.16 9.08 -1.74
N ASP A 59 2.40 8.26 -0.73
CA ASP A 59 3.42 7.23 -0.81
C ASP A 59 3.04 6.17 -1.84
N PHE A 60 3.94 5.89 -2.78
CA PHE A 60 3.74 4.84 -3.77
C PHE A 60 4.28 3.51 -3.25
N LEU A 61 3.51 2.44 -3.44
CA LEU A 61 3.86 1.12 -2.93
C LEU A 61 4.79 0.39 -3.90
N ILE A 62 6.00 0.06 -3.42
CA ILE A 62 6.98 -0.69 -4.19
C ILE A 62 6.97 -2.17 -3.82
N GLU A 63 6.94 -2.48 -2.53
CA GLU A 63 6.94 -3.86 -2.07
C GLU A 63 5.97 -4.03 -0.92
N VAL A 64 5.33 -5.20 -0.88
CA VAL A 64 4.51 -5.64 0.26
C VAL A 64 5.08 -6.97 0.73
N ASN A 65 5.55 -7.01 1.98
CA ASN A 65 6.09 -8.22 2.59
C ASN A 65 7.13 -8.87 1.68
N GLY A 66 7.98 -8.02 1.10
CA GLY A 66 9.08 -8.48 0.27
C GLY A 66 8.72 -8.78 -1.17
N VAL A 67 7.46 -8.61 -1.54
CA VAL A 67 7.00 -8.91 -2.90
C VAL A 67 6.84 -7.60 -3.66
N ASN A 68 7.50 -7.49 -4.81
CA ASN A 68 7.40 -6.28 -5.62
C ASN A 68 6.00 -6.15 -6.20
N VAL A 69 5.40 -4.97 -6.04
CA VAL A 69 4.03 -4.74 -6.48
C VAL A 69 3.94 -3.52 -7.40
N VAL A 70 5.08 -3.08 -7.93
CA VAL A 70 5.11 -1.88 -8.78
C VAL A 70 4.10 -2.00 -9.92
N LYS A 71 4.00 -3.18 -10.52
CA LYS A 71 3.16 -3.40 -11.69
C LYS A 71 2.00 -4.34 -11.41
N VAL A 72 1.55 -4.42 -10.16
CA VAL A 72 0.52 -5.37 -9.75
C VAL A 72 -0.80 -4.63 -9.57
N GLY A 73 -1.89 -5.29 -9.94
CA GLY A 73 -3.21 -4.71 -9.84
C GLY A 73 -3.71 -4.63 -8.42
N HIS A 74 -4.78 -3.85 -8.26
CA HIS A 74 -5.25 -3.46 -6.93
C HIS A 74 -5.62 -4.66 -6.08
N LYS A 75 -6.52 -5.52 -6.58
CA LYS A 75 -7.00 -6.64 -5.76
C LYS A 75 -5.86 -7.54 -5.32
N GLN A 76 -4.89 -7.78 -6.19
CA GLN A 76 -3.76 -8.64 -5.81
C GLN A 76 -2.90 -7.98 -4.74
N VAL A 77 -2.71 -6.66 -4.82
CA VAL A 77 -1.94 -5.98 -3.78
C VAL A 77 -2.69 -6.03 -2.45
N VAL A 78 -4.01 -5.83 -2.48
CA VAL A 78 -4.80 -5.91 -1.26
C VAL A 78 -4.72 -7.30 -0.66
N GLY A 79 -4.73 -8.33 -1.51
CA GLY A 79 -4.59 -9.69 -1.03
C GLY A 79 -3.27 -9.92 -0.31
N LEU A 80 -2.18 -9.38 -0.86
CA LEU A 80 -0.88 -9.52 -0.20
C LEU A 80 -0.87 -8.79 1.14
N ILE A 81 -1.48 -7.60 1.20
CA ILE A 81 -1.56 -6.87 2.47
C ILE A 81 -2.34 -7.67 3.50
N ARG A 82 -3.49 -8.22 3.11
CA ARG A 82 -4.34 -8.93 4.07
C ARG A 82 -3.73 -10.26 4.50
N GLN A 83 -2.81 -10.82 3.70
N GLN A 83 -2.82 -10.82 3.70
CA GLN A 83 -2.30 -12.16 3.98
CA GLN A 83 -2.30 -12.15 3.99
C GLN A 83 -1.49 -12.21 5.28
C GLN A 83 -1.54 -12.19 5.30
N GLY A 84 -0.85 -11.10 5.66
CA GLY A 84 -0.09 -11.05 6.89
C GLY A 84 -0.89 -10.82 8.14
N GLY A 85 -2.20 -10.58 8.01
CA GLY A 85 -3.04 -10.37 9.17
C GLY A 85 -2.76 -9.06 9.86
N ASN A 86 -2.23 -9.12 11.07
CA ASN A 86 -1.93 -7.92 11.84
C ASN A 86 -0.54 -7.36 11.58
N ARG A 87 0.23 -7.98 10.71
CA ARG A 87 1.63 -7.61 10.49
C ARG A 87 1.87 -7.36 9.01
N LEU A 88 2.58 -6.27 8.72
CA LEU A 88 2.72 -5.77 7.36
C LEU A 88 4.01 -4.97 7.26
N VAL A 89 4.79 -5.25 6.22
CA VAL A 89 5.99 -4.49 5.89
C VAL A 89 5.83 -3.95 4.48
N MET A 90 6.02 -2.64 4.32
N MET A 90 5.99 -2.63 4.33
CA MET A 90 5.80 -2.01 3.02
CA MET A 90 5.80 -1.96 3.06
C MET A 90 6.95 -1.07 2.68
C MET A 90 7.04 -1.14 2.73
N LYS A 91 7.51 -1.26 1.50
CA LYS A 91 8.53 -0.37 0.96
C LYS A 91 7.82 0.61 0.04
N VAL A 92 8.05 1.91 0.27
CA VAL A 92 7.34 2.95 -0.46
C VAL A 92 8.34 3.99 -0.94
N VAL A 93 7.91 4.79 -1.93
CA VAL A 93 8.64 5.98 -2.34
C VAL A 93 7.68 7.15 -2.24
N SER A 94 8.14 8.23 -1.62
CA SER A 94 7.30 9.39 -1.38
C SER A 94 7.29 10.28 -2.61
N VAL A 95 6.10 10.64 -3.05
CA VAL A 95 5.98 11.62 -4.13
C VAL A 95 6.38 13.00 -3.64
N THR A 96 6.14 13.28 -2.36
CA THR A 96 6.45 14.57 -1.76
C THR A 96 7.96 14.73 -1.58
N GLU B 2 -9.54 2.78 -11.41
CA GLU B 2 -8.90 2.57 -10.12
C GLU B 2 -9.90 2.01 -9.12
N ALA B 3 -9.38 1.35 -8.10
CA ALA B 3 -10.14 0.94 -6.94
C ALA B 3 -9.54 1.57 -5.70
N GLN B 4 -10.35 1.66 -4.65
CA GLN B 4 -9.96 2.23 -3.36
C GLN B 4 -10.34 1.26 -2.26
N THR B 5 -9.40 0.95 -1.38
CA THR B 5 -9.63 0.01 -0.29
C THR B 5 -9.06 0.58 1.01
N ARG B 6 -9.87 0.59 2.06
CA ARG B 6 -9.42 1.00 3.39
C ARG B 6 -8.87 -0.21 4.12
N LEU B 7 -7.70 -0.05 4.75
CA LEU B 7 -7.02 -1.16 5.42
C LEU B 7 -6.66 -0.77 6.86
#